data_6OWH
#
_entry.id   6OWH
#
_cell.length_a   46.560
_cell.length_b   57.290
_cell.length_c   122.490
_cell.angle_alpha   90.00
_cell.angle_beta   90.00
_cell.angle_gamma   90.00
#
_symmetry.space_group_name_H-M   'P 21 21 21'
#
loop_
_entity.id
_entity.type
_entity.pdbx_description
1 polymer 'Histone acetyltransferase KAT8'
2 non-polymer 'ZINC ION'
3 non-polymer GLYCEROL
4 non-polymer "N'-[(2-fluorophenyl)sulfonyl]-3-iodobenzohydrazide"
5 non-polymer 'DIMETHYL SULFOXIDE'
6 water water
#
_entity_poly.entity_id   1
_entity_poly.type   'polypeptide(L)'
_entity_poly.pdbx_seq_one_letter_code
;VKYVDKIHIGNYEIDAWYFSPFPEDYGKQPKLWLCEYCLKYMKYEKSYRFHLGQCQWRQPPGKEIYRKSNISVHEVDGKD
HKIYCQNLCLLAKLFLDH(ALY)TLYFDVEPFVFYILTEVDRQGAHIVGYFSKEKESPDGNNVSCIMILPPYQRRGYGRF
LIAFSYELSKLESTVGSPEKPLSDLGKLSYRSYWSWVLLENLRDFRGTLSIKDLSQMTSITQNDIISTLQSLNMVKYWKG
QHVICVTPKLVEEHLKSAQYKKPPITVDSVCLKWAPP
;
_entity_poly.pdbx_strand_id   A
#
loop_
_chem_comp.id
_chem_comp.type
_chem_comp.name
_chem_comp.formula
DMS non-polymer 'DIMETHYL SULFOXIDE' 'C2 H6 O S'
GOL non-polymer GLYCEROL 'C3 H8 O3'
NBJ non-polymer N'-[(2-fluorophenyl)sulfonyl]-3-iodobenzohydrazide 'C13 H10 F I N2 O3 S'
ZN non-polymer 'ZINC ION' 'Zn 2'
#
# COMPACT_ATOMS: atom_id res chain seq x y z
N LYS A 2 -11.56 18.60 20.21
CA LYS A 2 -10.19 19.08 20.37
C LYS A 2 -9.19 18.42 19.38
N TYR A 3 -9.23 17.10 19.16
CA TYR A 3 -8.50 16.53 18.05
C TYR A 3 -9.42 16.41 16.83
N VAL A 4 -8.81 16.32 15.64
CA VAL A 4 -9.61 16.05 14.44
C VAL A 4 -10.24 14.68 14.61
N ASP A 5 -11.57 14.62 14.57
CA ASP A 5 -12.24 13.34 14.74
C ASP A 5 -12.98 12.87 13.51
N LYS A 6 -13.08 13.70 12.46
CA LYS A 6 -13.89 13.35 11.31
C LYS A 6 -13.39 14.17 10.13
N ILE A 7 -13.28 13.55 8.96
CA ILE A 7 -12.90 14.26 7.75
C ILE A 7 -13.98 14.03 6.70
N HIS A 8 -14.09 14.98 5.79
CA HIS A 8 -14.91 14.86 4.61
C HIS A 8 -13.97 14.89 3.40
N ILE A 9 -14.01 13.84 2.60
CA ILE A 9 -13.16 13.77 1.41
C ILE A 9 -13.95 13.13 0.30
N GLY A 10 -13.99 13.78 -0.85
CA GLY A 10 -14.83 13.28 -1.94
C GLY A 10 -16.28 13.31 -1.51
N ASN A 11 -16.96 12.18 -1.66
CA ASN A 11 -18.30 12.03 -1.11
C ASN A 11 -18.33 11.13 0.13
N TYR A 12 -17.20 11.02 0.81
CA TYR A 12 -17.09 10.22 2.02
C TYR A 12 -16.92 11.14 3.23
N GLU A 13 -17.59 10.79 4.31
CA GLU A 13 -17.24 11.28 5.65
C GLU A 13 -16.66 10.09 6.41
N ILE A 14 -15.48 10.27 7.01
CA ILE A 14 -14.76 9.18 7.62
C ILE A 14 -14.40 9.59 9.05
N ASP A 15 -14.74 8.73 10.02
CA ASP A 15 -14.32 8.95 11.41
C ASP A 15 -12.84 8.61 11.58
N ALA A 16 -12.14 9.41 12.38
CA ALA A 16 -10.74 9.18 12.67
C ALA A 16 -10.55 7.94 13.55
N TRP A 17 -9.40 7.29 13.39
CA TRP A 17 -8.99 6.19 14.27
C TRP A 17 -7.91 6.60 15.26
N TYR A 18 -7.05 7.55 14.89
CA TYR A 18 -5.93 7.95 15.72
C TYR A 18 -5.73 9.46 15.66
N PHE A 19 -4.93 9.96 16.60
CA PHE A 19 -4.49 11.34 16.59
C PHE A 19 -3.58 11.59 15.38
N SER A 20 -3.83 12.72 14.70
CA SER A 20 -2.93 13.19 13.66
C SER A 20 -2.62 14.66 13.91
N PRO A 21 -1.36 15.09 13.85
CA PRO A 21 -1.00 16.44 14.30
C PRO A 21 -1.19 17.52 13.24
N PHE A 22 -2.43 17.64 12.74
CA PHE A 22 -2.82 18.87 12.05
C PHE A 22 -2.65 20.03 13.05
N PRO A 23 -2.37 21.27 12.56
CA PRO A 23 -2.42 22.42 13.49
C PRO A 23 -3.65 22.44 14.40
N GLU A 24 -3.48 22.98 15.61
CA GLU A 24 -4.49 22.90 16.67
C GLU A 24 -5.81 23.52 16.23
N ASP A 25 -5.73 24.68 15.60
CA ASP A 25 -6.92 25.37 15.10
C ASP A 25 -7.73 24.50 14.15
N TYR A 26 -7.04 23.63 13.41
CA TYR A 26 -7.76 22.73 12.51
C TYR A 26 -8.52 21.66 13.29
N GLY A 27 -8.04 21.27 14.47
CA GLY A 27 -8.72 20.27 15.25
C GLY A 27 -9.97 20.77 15.96
N LYS A 28 -10.10 22.09 16.10
CA LYS A 28 -11.20 22.64 16.89
C LYS A 28 -12.56 22.48 16.23
N GLN A 29 -12.64 22.20 14.93
CA GLN A 29 -13.94 22.12 14.27
C GLN A 29 -14.53 20.72 14.36
N PRO A 30 -15.84 20.61 14.09
CA PRO A 30 -16.45 19.27 13.95
C PRO A 30 -15.79 18.39 12.91
N LYS A 31 -15.40 18.97 11.77
CA LYS A 31 -14.90 18.25 10.61
C LYS A 31 -13.67 18.96 10.06
N LEU A 32 -12.82 18.20 9.38
CA LEU A 32 -11.87 18.73 8.42
C LEU A 32 -12.34 18.36 7.03
N TRP A 33 -12.25 19.31 6.11
CA TRP A 33 -12.69 19.11 4.72
C TRP A 33 -11.45 19.01 3.85
N LEU A 34 -11.31 17.91 3.12
CA LEU A 34 -10.13 17.65 2.32
C LEU A 34 -10.48 17.62 0.84
N CYS A 35 -9.75 18.41 0.05
CA CYS A 35 -9.86 18.27 -1.39
C CYS A 35 -9.34 16.91 -1.79
N GLU A 36 -10.14 16.15 -2.52
CA GLU A 36 -9.68 14.80 -2.81
C GLU A 36 -8.59 14.75 -3.87
N TYR A 37 -8.33 15.84 -4.59
CA TYR A 37 -7.32 15.82 -5.63
C TYR A 37 -5.98 16.40 -5.20
N CYS A 38 -5.96 17.56 -4.53
CA CYS A 38 -4.68 18.10 -4.08
C CYS A 38 -4.45 17.91 -2.59
N LEU A 39 -5.43 17.36 -1.87
CA LEU A 39 -5.38 17.03 -0.45
C LEU A 39 -5.23 18.25 0.46
N LYS A 40 -5.46 19.46 -0.03
CA LYS A 40 -5.59 20.62 0.84
C LYS A 40 -6.67 20.37 1.89
N TYR A 41 -6.38 20.67 3.13
CA TYR A 41 -7.37 20.54 4.18
C TYR A 41 -7.86 21.91 4.63
N MET A 42 -9.16 22.00 4.89
CA MET A 42 -9.83 23.26 5.15
C MET A 42 -10.71 23.11 6.39
N LYS A 43 -11.01 24.25 7.02
CA LYS A 43 -11.72 24.28 8.29
C LYS A 43 -13.23 24.34 8.14
N TYR A 44 -13.74 24.81 7.00
CA TYR A 44 -15.15 25.16 6.86
C TYR A 44 -15.71 24.55 5.59
N GLU A 45 -16.98 24.17 5.64
CA GLU A 45 -17.64 23.74 4.42
C GLU A 45 -17.59 24.84 3.35
N LYS A 46 -17.65 26.10 3.75
CA LYS A 46 -17.67 27.19 2.78
C LYS A 46 -16.34 27.31 2.04
N SER A 47 -15.22 27.22 2.74
CA SER A 47 -13.96 27.30 2.00
C SER A 47 -13.75 26.04 1.16
N TYR A 48 -14.22 24.89 1.64
CA TYR A 48 -14.17 23.67 0.84
C TYR A 48 -14.94 23.84 -0.47
N ARG A 49 -16.17 24.37 -0.41
CA ARG A 49 -16.92 24.53 -1.65
C ARG A 49 -16.26 25.55 -2.57
N PHE A 50 -15.74 26.66 -2.02
CA PHE A 50 -15.00 27.59 -2.86
C PHE A 50 -13.83 26.90 -3.53
N HIS A 51 -13.08 26.10 -2.77
CA HIS A 51 -11.92 25.43 -3.31
C HIS A 51 -12.32 24.49 -4.43
N LEU A 52 -13.44 23.78 -4.27
CA LEU A 52 -13.85 22.80 -5.27
C LEU A 52 -14.07 23.42 -6.64
N GLY A 53 -14.67 24.61 -6.68
CA GLY A 53 -14.90 25.26 -7.95
C GLY A 53 -13.67 25.87 -8.57
N GLN A 54 -12.60 26.05 -7.79
CA GLN A 54 -11.36 26.66 -8.29
C GLN A 54 -10.27 25.65 -8.57
N CYS A 55 -10.14 24.63 -7.72
CA CYS A 55 -9.01 23.72 -7.85
C CYS A 55 -9.00 23.10 -9.23
N GLN A 56 -7.85 23.15 -9.88
CA GLN A 56 -7.78 22.58 -11.21
C GLN A 56 -7.26 21.15 -11.21
N TRP A 57 -6.69 20.66 -10.10
CA TRP A 57 -6.17 19.30 -10.04
CA TRP A 57 -6.16 19.31 -10.12
C TRP A 57 -7.30 18.29 -10.17
N ARG A 58 -7.06 17.22 -10.94
CA ARG A 58 -8.02 16.12 -11.08
C ARG A 58 -7.36 14.76 -10.91
N GLN A 59 -6.11 14.73 -10.47
CA GLN A 59 -5.34 13.51 -10.22
C GLN A 59 -4.13 13.90 -9.38
N PRO A 60 -3.44 12.92 -8.80
CA PRO A 60 -2.24 13.26 -8.01
C PRO A 60 -1.17 13.90 -8.88
N PRO A 61 -0.23 14.64 -8.27
CA PRO A 61 0.92 15.12 -9.03
C PRO A 61 1.82 13.96 -9.40
N GLY A 62 3.02 14.26 -9.90
CA GLY A 62 3.96 13.21 -10.19
C GLY A 62 3.66 12.48 -11.48
N LYS A 63 4.31 11.34 -11.63
CA LYS A 63 4.25 10.57 -12.86
C LYS A 63 3.35 9.36 -12.69
N GLU A 64 2.45 9.16 -13.63
CA GLU A 64 1.62 7.96 -13.68
C GLU A 64 2.47 6.80 -14.16
N ILE A 65 2.91 5.95 -13.23
CA ILE A 65 3.75 4.81 -13.60
C ILE A 65 2.98 3.53 -13.82
N TYR A 66 1.65 3.53 -13.61
CA TYR A 66 0.85 2.34 -13.89
C TYR A 66 -0.54 2.79 -14.27
N ARG A 67 -1.06 2.21 -15.35
CA ARG A 67 -2.42 2.49 -15.77
C ARG A 67 -2.96 1.23 -16.42
N LYS A 68 -3.99 0.65 -15.86
CA LYS A 68 -4.72 -0.38 -16.57
C LYS A 68 -6.20 -0.17 -16.34
N SER A 69 -6.93 0.03 -17.43
CA SER A 69 -8.35 0.36 -17.38
C SER A 69 -8.46 1.59 -16.49
N ASN A 70 -9.28 1.59 -15.44
CA ASN A 70 -9.46 2.76 -14.61
C ASN A 70 -8.66 2.73 -13.31
N ILE A 71 -7.67 1.84 -13.20
CA ILE A 71 -6.80 1.74 -12.04
C ILE A 71 -5.46 2.38 -12.40
N SER A 72 -5.00 3.33 -11.57
CA SER A 72 -3.79 4.07 -11.85
CA SER A 72 -3.81 4.10 -11.85
C SER A 72 -2.95 4.24 -10.60
N VAL A 73 -1.62 4.26 -10.79
CA VAL A 73 -0.68 4.54 -9.71
C VAL A 73 0.22 5.69 -10.14
N HIS A 74 0.33 6.71 -9.28
CA HIS A 74 1.22 7.84 -9.47
C HIS A 74 2.38 7.75 -8.48
N GLU A 75 3.59 8.00 -8.98
CA GLU A 75 4.78 8.07 -8.15
C GLU A 75 5.06 9.55 -7.84
N VAL A 76 5.10 9.88 -6.56
CA VAL A 76 5.26 11.27 -6.11
C VAL A 76 6.50 11.34 -5.23
N ASP A 77 7.48 12.12 -5.67
CA ASP A 77 8.72 12.29 -4.92
C ASP A 77 8.50 13.35 -3.83
N GLY A 78 8.77 12.97 -2.58
CA GLY A 78 8.56 13.90 -1.47
C GLY A 78 9.30 15.21 -1.62
N LYS A 79 10.45 15.18 -2.29
CA LYS A 79 11.25 16.40 -2.47
C LYS A 79 10.64 17.31 -3.53
N ASP A 80 9.99 16.73 -4.54
CA ASP A 80 9.41 17.53 -5.62
C ASP A 80 8.01 18.06 -5.30
N HIS A 81 7.25 17.38 -4.44
CA HIS A 81 5.86 17.75 -4.16
C HIS A 81 5.61 17.73 -2.65
N LYS A 82 6.33 18.61 -1.94
CA LYS A 82 6.42 18.52 -0.48
C LYS A 82 5.07 18.73 0.20
N ILE A 83 4.32 19.75 -0.21
CA ILE A 83 3.06 20.07 0.44
C ILE A 83 2.06 18.93 0.30
N TYR A 84 1.90 18.44 -0.95
CA TYR A 84 1.03 17.31 -1.21
C TYR A 84 1.39 16.11 -0.33
N CYS A 85 2.67 15.78 -0.29
CA CYS A 85 3.11 14.61 0.47
C CYS A 85 2.92 14.81 1.97
N GLN A 86 3.06 16.04 2.46
CA GLN A 86 2.78 16.32 3.86
C GLN A 86 1.29 16.18 4.15
N ASN A 87 0.44 16.78 3.29
CA ASN A 87 -1.00 16.57 3.38
C ASN A 87 -1.32 15.08 3.46
N LEU A 88 -0.67 14.29 2.60
CA LEU A 88 -0.93 12.86 2.54
C LEU A 88 -0.56 12.17 3.84
N CYS A 89 0.58 12.53 4.42
CA CYS A 89 1.01 11.87 5.66
C CYS A 89 0.10 12.23 6.82
N LEU A 90 -0.41 13.45 6.87
CA LEU A 90 -1.34 13.81 7.94
C LEU A 90 -2.64 13.05 7.81
N LEU A 91 -3.16 12.93 6.59
CA LEU A 91 -4.34 12.12 6.36
C LEU A 91 -4.12 10.68 6.79
N ALA A 92 -2.98 10.11 6.38
CA ALA A 92 -2.69 8.70 6.69
C ALA A 92 -2.58 8.47 8.20
N LYS A 93 -2.03 9.44 8.93
CA LYS A 93 -1.87 9.28 10.37
C LYS A 93 -3.21 9.17 11.10
N LEU A 94 -4.28 9.69 10.49
CA LEU A 94 -5.61 9.52 11.08
C LEU A 94 -6.00 8.04 11.19
N PHE A 95 -5.40 7.19 10.36
CA PHE A 95 -5.77 5.78 10.27
C PHE A 95 -4.61 4.84 10.55
N LEU A 96 -3.42 5.36 10.86
CA LEU A 96 -2.26 4.55 11.19
C LEU A 96 -1.80 4.87 12.61
N ASP A 97 -1.63 3.83 13.43
CA ASP A 97 -1.18 4.06 14.80
C ASP A 97 0.32 4.34 14.86
N HIS A 98 1.11 3.69 14.01
CA HIS A 98 2.56 3.66 14.19
C HIS A 98 3.37 4.66 13.37
OH ALY A 99 6.03 8.44 5.73
CH ALY A 99 4.80 8.31 5.91
CH3 ALY A 99 3.97 7.48 4.99
NZ ALY A 99 4.13 8.92 6.96
CE ALY A 99 2.71 8.79 7.20
CD ALY A 99 2.27 7.74 8.21
CG ALY A 99 3.09 7.79 9.49
CB ALY A 99 2.54 6.70 10.36
CA ALY A 99 3.44 6.19 11.49
N ALY A 99 2.76 5.24 12.33
C ALY A 99 3.91 7.38 12.34
O ALY A 99 3.20 7.91 13.17
N THR A 100 5.17 7.81 12.14
CA THR A 100 5.74 8.91 12.94
C THR A 100 6.30 10.12 12.17
N LEU A 101 6.31 10.05 10.85
CA LEU A 101 6.95 11.06 10.03
C LEU A 101 5.89 11.72 9.16
N TYR A 102 5.69 13.03 9.33
CA TYR A 102 4.63 13.77 8.65
C TYR A 102 5.18 14.92 7.83
N PHE A 103 6.24 15.54 8.30
CA PHE A 103 6.73 16.78 7.72
C PHE A 103 8.04 16.62 6.96
N ASP A 104 8.98 15.81 7.47
CA ASP A 104 10.24 15.52 6.79
C ASP A 104 10.05 14.45 5.70
N VAL A 105 9.37 14.82 4.61
CA VAL A 105 8.98 13.84 3.59
C VAL A 105 9.99 13.71 2.45
N GLU A 106 11.01 14.56 2.41
CA GLU A 106 12.00 14.51 1.34
C GLU A 106 12.70 13.17 1.13
N PRO A 107 12.96 12.33 2.14
CA PRO A 107 13.60 11.03 1.87
C PRO A 107 12.66 9.95 1.36
N PHE A 108 11.40 10.24 1.07
CA PHE A 108 10.42 9.23 0.70
C PHE A 108 9.90 9.45 -0.71
N VAL A 109 9.45 8.38 -1.33
CA VAL A 109 8.66 8.43 -2.54
C VAL A 109 7.31 7.80 -2.23
N PHE A 110 6.24 8.37 -2.79
CA PHE A 110 4.88 7.97 -2.46
C PHE A 110 4.20 7.41 -3.69
N TYR A 111 3.56 6.26 -3.55
CA TYR A 111 2.87 5.61 -4.66
C TYR A 111 1.38 5.67 -4.34
N ILE A 112 0.65 6.48 -5.11
CA ILE A 112 -0.75 6.81 -4.85
C ILE A 112 -1.62 5.95 -5.75
N LEU A 113 -2.53 5.20 -5.14
CA LEU A 113 -3.45 4.36 -5.89
C LEU A 113 -4.76 5.12 -6.08
N THR A 114 -5.21 5.24 -7.33
CA THR A 114 -6.46 5.91 -7.63
C THR A 114 -7.34 5.04 -8.53
N GLU A 115 -8.63 5.37 -8.47
CA GLU A 115 -9.69 4.77 -9.27
C GLU A 115 -10.29 5.90 -10.10
N VAL A 116 -10.19 5.79 -11.42
CA VAL A 116 -10.52 6.89 -12.32
C VAL A 116 -11.98 6.78 -12.75
N ASP A 117 -12.68 7.90 -12.76
CA ASP A 117 -13.91 7.99 -13.55
C ASP A 117 -13.87 9.27 -14.37
N ARG A 118 -15.02 9.71 -14.90
CA ARG A 118 -15.00 10.86 -15.80
C ARG A 118 -14.64 12.13 -15.06
N GLN A 119 -14.95 12.21 -13.76
CA GLN A 119 -14.61 13.43 -13.02
C GLN A 119 -13.12 13.52 -12.67
N GLY A 120 -12.42 12.40 -12.59
CA GLY A 120 -11.01 12.43 -12.28
C GLY A 120 -10.58 11.17 -11.55
N ALA A 121 -9.36 11.21 -11.00
CA ALA A 121 -8.72 10.06 -10.37
C ALA A 121 -8.86 10.16 -8.85
N HIS A 122 -9.64 9.24 -8.27
CA HIS A 122 -10.04 9.29 -6.87
C HIS A 122 -9.11 8.45 -6.00
N ILE A 123 -8.56 9.07 -4.94
CA ILE A 123 -7.55 8.42 -4.13
C ILE A 123 -8.15 7.30 -3.29
N VAL A 124 -7.46 6.16 -3.26
CA VAL A 124 -7.89 4.98 -2.55
C VAL A 124 -6.94 4.62 -1.41
N GLY A 125 -5.66 4.85 -1.64
CA GLY A 125 -4.64 4.52 -0.67
C GLY A 125 -3.29 4.83 -1.27
N TYR A 126 -2.27 4.48 -0.51
CA TYR A 126 -0.90 4.76 -0.92
C TYR A 126 0.02 3.88 -0.11
N PHE A 127 1.25 3.76 -0.57
CA PHE A 127 2.33 3.36 0.31
C PHE A 127 3.51 4.28 0.06
N SER A 128 4.32 4.46 1.09
CA SER A 128 5.54 5.24 1.01
C SER A 128 6.72 4.30 1.09
N LYS A 129 7.86 4.78 0.60
CA LYS A 129 9.06 3.98 0.45
C LYS A 129 10.23 4.91 0.64
N GLU A 130 11.17 4.57 1.52
CA GLU A 130 12.38 5.38 1.61
C GLU A 130 13.19 5.19 0.35
N LYS A 131 13.73 6.29 -0.17
CA LYS A 131 14.57 6.22 -1.36
C LYS A 131 15.77 5.31 -1.13
N GLU A 132 16.36 5.36 0.07
CA GLU A 132 17.48 4.51 0.45
C GLU A 132 17.13 3.83 1.76
N SER A 133 16.80 2.53 1.72
CA SER A 133 16.48 1.83 2.95
C SER A 133 17.70 1.06 3.43
N PRO A 134 18.26 1.39 4.59
CA PRO A 134 19.39 0.60 5.09
C PRO A 134 19.00 -0.81 5.48
N ASP A 135 17.74 -1.04 5.85
CA ASP A 135 17.32 -2.34 6.34
C ASP A 135 16.45 -3.10 5.34
N GLY A 136 16.43 -2.67 4.09
CA GLY A 136 15.79 -3.46 3.04
C GLY A 136 14.28 -3.48 3.09
N ASN A 137 13.67 -2.36 3.47
CA ASN A 137 12.21 -2.30 3.46
C ASN A 137 11.71 -1.79 2.12
N ASN A 138 10.77 -2.52 1.51
CA ASN A 138 10.19 -2.07 0.26
C ASN A 138 8.88 -1.32 0.46
N VAL A 139 8.45 -1.16 1.72
CA VAL A 139 7.33 -0.31 2.10
C VAL A 139 7.67 0.31 3.45
N SER A 140 7.45 1.61 3.60
CA SER A 140 7.54 2.22 4.93
CA SER A 140 7.55 2.19 4.94
C SER A 140 6.20 2.18 5.63
N CYS A 141 5.20 2.84 5.06
CA CYS A 141 3.84 2.75 5.55
C CYS A 141 2.94 2.45 4.36
N ILE A 142 1.82 1.78 4.64
CA ILE A 142 0.84 1.49 3.60
C ILE A 142 -0.54 1.71 4.20
N MET A 143 -1.39 2.43 3.47
CA MET A 143 -2.67 2.85 4.00
C MET A 143 -3.72 2.77 2.90
N ILE A 144 -4.84 2.13 3.22
CA ILE A 144 -6.03 2.12 2.37
C ILE A 144 -7.12 2.82 3.15
N LEU A 145 -7.78 3.79 2.51
CA LEU A 145 -8.80 4.56 3.21
C LEU A 145 -9.93 3.62 3.65
N PRO A 146 -10.48 3.83 4.84
CA PRO A 146 -11.41 2.86 5.46
C PRO A 146 -12.49 2.32 4.52
N PRO A 147 -13.22 3.16 3.76
CA PRO A 147 -14.29 2.59 2.93
C PRO A 147 -13.80 1.73 1.77
N TYR A 148 -12.49 1.72 1.49
CA TYR A 148 -11.93 0.84 0.49
C TYR A 148 -11.27 -0.40 1.09
N GLN A 149 -11.24 -0.53 2.42
CA GLN A 149 -10.51 -1.65 3.00
C GLN A 149 -11.26 -2.96 2.78
N ARG A 150 -10.48 -4.04 2.71
CA ARG A 150 -10.99 -5.40 2.51
C ARG A 150 -11.75 -5.55 1.19
N ARG A 151 -11.33 -4.82 0.16
CA ARG A 151 -12.00 -4.88 -1.14
C ARG A 151 -11.04 -5.16 -2.27
N GLY A 152 -9.85 -5.68 -1.96
CA GLY A 152 -8.87 -6.03 -2.97
C GLY A 152 -7.83 -4.96 -3.25
N TYR A 153 -8.03 -3.73 -2.75
CA TYR A 153 -7.08 -2.67 -3.03
C TYR A 153 -5.78 -2.81 -2.23
N GLY A 154 -5.87 -3.28 -0.98
CA GLY A 154 -4.66 -3.52 -0.21
C GLY A 154 -3.82 -4.62 -0.83
N ARG A 155 -4.47 -5.65 -1.34
CA ARG A 155 -3.73 -6.72 -2.00
C ARG A 155 -3.04 -6.20 -3.25
N PHE A 156 -3.71 -5.35 -4.02
CA PHE A 156 -3.07 -4.73 -5.17
C PHE A 156 -1.81 -3.98 -4.77
N LEU A 157 -1.90 -3.16 -3.73
CA LEU A 157 -0.76 -2.33 -3.35
C LEU A 157 0.40 -3.18 -2.84
N ILE A 158 0.12 -4.25 -2.08
CA ILE A 158 1.18 -5.14 -1.63
C ILE A 158 1.88 -5.78 -2.83
N ALA A 159 1.10 -6.34 -3.76
CA ALA A 159 1.67 -6.90 -4.97
C ALA A 159 2.50 -5.87 -5.72
N PHE A 160 1.97 -4.64 -5.82
CA PHE A 160 2.70 -3.57 -6.51
C PHE A 160 4.05 -3.30 -5.85
N SER A 161 4.10 -3.29 -4.52
CA SER A 161 5.38 -3.03 -3.86
C SER A 161 6.39 -4.11 -4.20
N TYR A 162 5.94 -5.36 -4.36
CA TYR A 162 6.88 -6.42 -4.72
C TYR A 162 7.22 -6.39 -6.20
N GLU A 163 6.32 -5.92 -7.06
CA GLU A 163 6.71 -5.77 -8.45
C GLU A 163 7.82 -4.72 -8.60
N LEU A 164 7.80 -3.67 -7.77
CA LEU A 164 8.94 -2.75 -7.76
C LEU A 164 10.21 -3.44 -7.30
N SER A 165 10.13 -4.22 -6.22
CA SER A 165 11.31 -4.90 -5.72
C SER A 165 11.91 -5.82 -6.77
N LYS A 166 11.06 -6.52 -7.52
CA LYS A 166 11.54 -7.40 -8.58
C LYS A 166 12.26 -6.63 -9.66
N LEU A 167 11.74 -5.47 -10.05
CA LEU A 167 12.43 -4.66 -11.04
C LEU A 167 13.75 -4.14 -10.51
N GLU A 168 13.89 -4.01 -9.19
CA GLU A 168 15.14 -3.58 -8.56
C GLU A 168 16.12 -4.73 -8.34
N SER A 169 15.73 -5.98 -8.63
CA SER A 169 16.54 -7.17 -8.32
C SER A 169 16.85 -7.25 -6.83
N THR A 170 15.84 -6.99 -6.02
CA THR A 170 16.03 -6.92 -4.58
C THR A 170 14.91 -7.72 -3.92
N VAL A 171 15.19 -8.23 -2.73
CA VAL A 171 14.12 -8.69 -1.86
C VAL A 171 13.79 -7.52 -0.94
N GLY A 172 12.56 -7.49 -0.46
CA GLY A 172 12.14 -6.43 0.43
C GLY A 172 11.13 -6.95 1.41
N SER A 173 10.84 -6.13 2.42
CA SER A 173 9.93 -6.49 3.51
C SER A 173 9.29 -5.21 4.00
N PRO A 174 8.03 -5.25 4.41
CA PRO A 174 7.41 -4.05 4.98
C PRO A 174 8.10 -3.68 6.28
N GLU A 175 8.20 -2.38 6.52
CA GLU A 175 8.70 -1.90 7.81
C GLU A 175 7.73 -2.32 8.92
N LYS A 176 8.28 -2.82 9.99
CA LYS A 176 7.50 -3.26 11.13
C LYS A 176 7.41 -2.17 12.18
N PRO A 177 6.35 -2.13 13.02
CA PRO A 177 5.23 -3.07 13.16
C PRO A 177 4.08 -2.85 12.16
N LEU A 178 3.37 -3.91 11.82
CA LEU A 178 2.19 -3.82 10.97
C LEU A 178 0.93 -3.76 11.82
N SER A 179 -0.13 -3.16 11.27
CA SER A 179 -1.41 -3.20 11.95
C SER A 179 -1.93 -4.63 11.97
N ASP A 180 -3.00 -4.83 12.75
CA ASP A 180 -3.71 -6.11 12.74
C ASP A 180 -4.07 -6.52 11.33
N LEU A 181 -4.80 -5.67 10.62
CA LEU A 181 -5.20 -5.97 9.25
C LEU A 181 -3.99 -6.10 8.33
N GLY A 182 -2.94 -5.31 8.58
CA GLY A 182 -1.73 -5.44 7.78
C GLY A 182 -1.09 -6.80 7.90
N LYS A 183 -0.96 -7.30 9.14
CA LYS A 183 -0.45 -8.64 9.37
C LYS A 183 -1.24 -9.68 8.56
N LEU A 184 -2.57 -9.66 8.70
CA LEU A 184 -3.43 -10.61 8.00
C LEU A 184 -3.24 -10.50 6.49
N SER A 185 -3.14 -9.27 5.98
CA SER A 185 -3.09 -9.07 4.54
C SER A 185 -1.76 -9.53 3.97
N TYR A 186 -0.65 -9.25 4.65
CA TYR A 186 0.63 -9.74 4.17
C TYR A 186 0.70 -11.26 4.25
N ARG A 187 0.30 -11.85 5.38
CA ARG A 187 0.35 -13.30 5.50
C ARG A 187 -0.42 -13.96 4.37
N SER A 188 -1.59 -13.42 4.06
CA SER A 188 -2.44 -14.03 3.03
C SER A 188 -1.91 -13.78 1.64
N TYR A 189 -1.30 -12.61 1.40
CA TYR A 189 -0.65 -12.36 0.11
C TYR A 189 0.55 -13.29 -0.07
N TRP A 190 1.38 -13.44 0.96
CA TRP A 190 2.54 -14.32 0.87
C TRP A 190 2.12 -15.76 0.61
N SER A 191 1.11 -16.23 1.36
CA SER A 191 0.66 -17.60 1.18
C SER A 191 0.21 -17.85 -0.26
N TRP A 192 -0.61 -16.96 -0.82
CA TRP A 192 -1.10 -17.14 -2.19
C TRP A 192 0.04 -17.23 -3.18
N VAL A 193 0.96 -16.27 -3.09
CA VAL A 193 2.06 -16.17 -4.03
C VAL A 193 2.98 -17.37 -3.93
N LEU A 194 3.26 -17.84 -2.72
CA LEU A 194 4.14 -18.99 -2.58
C LEU A 194 3.46 -20.27 -3.04
N LEU A 195 2.17 -20.41 -2.76
CA LEU A 195 1.47 -21.64 -3.16
C LEU A 195 1.31 -21.73 -4.67
N GLU A 196 1.01 -20.61 -5.34
CA GLU A 196 0.94 -20.63 -6.80
C GLU A 196 2.28 -20.99 -7.41
N ASN A 197 3.38 -20.47 -6.86
CA ASN A 197 4.69 -20.83 -7.38
C ASN A 197 4.96 -22.31 -7.19
N LEU A 198 4.60 -22.85 -6.02
CA LEU A 198 4.83 -24.27 -5.76
C LEU A 198 3.98 -25.16 -6.64
N ARG A 199 2.79 -24.69 -7.02
CA ARG A 199 1.96 -25.47 -7.93
C ARG A 199 2.50 -25.45 -9.35
N ASP A 200 3.12 -24.33 -9.74
CA ASP A 200 3.55 -24.12 -11.12
C ASP A 200 4.87 -24.79 -11.46
N PHE A 201 5.64 -25.26 -10.48
CA PHE A 201 6.94 -25.87 -10.77
C PHE A 201 7.00 -27.30 -10.27
N THR A 204 11.62 -28.78 -8.68
CA THR A 204 10.98 -27.76 -7.85
C THR A 204 12.00 -26.96 -7.03
N LEU A 205 11.52 -26.20 -6.04
CA LEU A 205 12.09 -24.93 -5.63
C LEU A 205 12.68 -24.95 -4.22
N SER A 206 13.81 -24.27 -4.03
CA SER A 206 14.29 -24.05 -2.67
C SER A 206 13.62 -22.81 -2.08
N ILE A 207 13.88 -22.56 -0.80
CA ILE A 207 13.44 -21.31 -0.20
C ILE A 207 14.19 -20.14 -0.83
N LYS A 208 15.46 -20.36 -1.17
CA LYS A 208 16.22 -19.33 -1.87
C LYS A 208 15.66 -19.05 -3.26
N ASP A 209 15.26 -20.10 -3.98
CA ASP A 209 14.66 -19.94 -5.31
C ASP A 209 13.41 -19.07 -5.22
N LEU A 210 12.50 -19.40 -4.29
CA LEU A 210 11.26 -18.66 -4.12
C LEU A 210 11.51 -17.21 -3.81
N SER A 211 12.51 -16.94 -2.96
CA SER A 211 12.85 -15.57 -2.61
C SER A 211 13.24 -14.76 -3.84
N GLN A 212 14.06 -15.35 -4.72
CA GLN A 212 14.47 -14.61 -5.89
C GLN A 212 13.33 -14.45 -6.89
N MET A 213 12.42 -15.43 -6.97
CA MET A 213 11.31 -15.30 -7.90
C MET A 213 10.26 -14.31 -7.43
N THR A 214 10.13 -14.10 -6.12
CA THR A 214 9.04 -13.30 -5.60
C THR A 214 9.47 -11.97 -4.97
N SER A 215 10.75 -11.80 -4.66
CA SER A 215 11.30 -10.71 -3.86
C SER A 215 10.80 -10.72 -2.41
N ILE A 216 10.13 -11.79 -1.99
CA ILE A 216 9.82 -11.97 -0.58
C ILE A 216 11.09 -12.42 0.13
N THR A 217 11.34 -11.88 1.33
CA THR A 217 12.56 -12.26 2.03
C THR A 217 12.45 -13.70 2.49
N GLN A 218 13.61 -14.32 2.69
CA GLN A 218 13.61 -15.70 3.14
C GLN A 218 12.92 -15.86 4.49
N ASN A 219 13.04 -14.87 5.37
CA ASN A 219 12.39 -14.98 6.67
C ASN A 219 10.87 -14.95 6.54
N ASP A 220 10.35 -14.09 5.66
CA ASP A 220 8.90 -14.02 5.50
C ASP A 220 8.36 -15.28 4.84
N ILE A 221 9.13 -15.86 3.90
CA ILE A 221 8.75 -17.14 3.30
C ILE A 221 8.72 -18.23 4.36
N ILE A 222 9.80 -18.33 5.15
CA ILE A 222 9.86 -19.38 6.17
C ILE A 222 8.70 -19.25 7.14
N SER A 223 8.44 -18.04 7.65
CA SER A 223 7.35 -17.91 8.60
C SER A 223 6.01 -18.22 7.96
N THR A 224 5.84 -17.92 6.67
CA THR A 224 4.58 -18.25 6.01
C THR A 224 4.45 -19.77 5.82
N LEU A 225 5.52 -20.42 5.36
CA LEU A 225 5.49 -21.86 5.19
C LEU A 225 5.29 -22.58 6.52
N GLN A 226 5.81 -22.01 7.62
CA GLN A 226 5.58 -22.60 8.93
C GLN A 226 4.11 -22.55 9.31
N SER A 227 3.44 -21.43 9.02
CA SER A 227 2.02 -21.35 9.34
C SER A 227 1.18 -22.23 8.42
N LEU A 228 1.69 -22.59 7.26
CA LEU A 228 1.04 -23.59 6.42
C LEU A 228 1.51 -25.01 6.75
N ASN A 229 2.53 -25.13 7.61
CA ASN A 229 3.13 -26.42 7.97
C ASN A 229 3.73 -27.10 6.74
N MET A 230 4.49 -26.35 5.93
CA MET A 230 5.09 -26.95 4.75
C MET A 230 6.61 -26.85 4.74
N VAL A 231 7.21 -26.78 5.92
CA VAL A 231 8.67 -26.71 6.05
C VAL A 231 9.09 -27.67 7.15
N LYS A 232 10.16 -28.42 6.90
CA LYS A 232 10.80 -29.23 7.91
C LYS A 232 12.15 -28.63 8.26
N TYR A 233 12.74 -29.09 9.36
CA TYR A 233 14.02 -28.58 9.82
C TYR A 233 15.01 -29.72 9.82
N TRP A 234 16.15 -29.54 9.16
CA TRP A 234 17.15 -30.60 9.08
C TRP A 234 18.53 -30.02 9.29
N LYS A 235 19.20 -30.49 10.33
CA LYS A 235 20.54 -30.05 10.74
C LYS A 235 20.72 -28.55 10.53
N GLY A 236 19.81 -27.80 11.15
CA GLY A 236 19.94 -26.35 11.22
C GLY A 236 19.45 -25.57 10.02
N GLN A 237 18.73 -26.19 9.09
CA GLN A 237 18.22 -25.52 7.91
C GLN A 237 16.74 -25.80 7.71
N HIS A 238 16.00 -24.76 7.31
CA HIS A 238 14.62 -24.90 6.89
C HIS A 238 14.56 -25.43 5.45
N VAL A 239 13.78 -26.49 5.22
CA VAL A 239 13.66 -27.14 3.91
C VAL A 239 12.18 -27.26 3.57
N ILE A 240 11.78 -26.85 2.36
CA ILE A 240 10.39 -27.00 1.96
C ILE A 240 10.04 -28.48 1.93
N CYS A 241 8.84 -28.80 2.42
CA CYS A 241 8.36 -30.18 2.47
C CYS A 241 6.88 -30.17 2.10
N VAL A 242 6.58 -30.41 0.83
CA VAL A 242 5.20 -30.24 0.38
C VAL A 242 4.89 -31.17 -0.78
N THR A 243 3.72 -31.80 -0.71
CA THR A 243 3.25 -32.59 -1.84
C THR A 243 2.35 -31.74 -2.74
N PRO A 244 2.47 -31.94 -4.05
CA PRO A 244 1.54 -31.30 -4.99
C PRO A 244 0.07 -31.33 -4.59
N LYS A 245 -0.39 -32.33 -3.85
CA LYS A 245 -1.81 -32.38 -3.51
C LYS A 245 -2.16 -31.40 -2.39
N LEU A 246 -1.33 -31.35 -1.34
CA LEU A 246 -1.58 -30.44 -0.22
C LEU A 246 -1.62 -29.00 -0.67
N VAL A 247 -0.77 -28.65 -1.64
CA VAL A 247 -0.77 -27.31 -2.21
C VAL A 247 -2.12 -27.00 -2.83
N GLU A 248 -2.67 -27.96 -3.58
CA GLU A 248 -3.98 -27.75 -4.19
C GLU A 248 -5.07 -27.67 -3.13
N GLU A 249 -4.99 -28.47 -2.06
CA GLU A 249 -6.04 -28.29 -1.04
C GLU A 249 -5.99 -26.90 -0.42
N HIS A 250 -4.80 -26.32 -0.28
CA HIS A 250 -4.73 -24.96 0.24
C HIS A 250 -5.29 -23.96 -0.77
N LEU A 251 -4.90 -24.08 -2.04
CA LEU A 251 -5.33 -23.10 -3.01
C LEU A 251 -6.83 -23.16 -3.27
N LYS A 252 -7.48 -24.29 -3.01
CA LYS A 252 -8.91 -24.33 -3.28
C LYS A 252 -9.71 -23.74 -2.12
N SER A 253 -9.04 -23.44 -1.00
CA SER A 253 -9.69 -22.86 0.18
C SER A 253 -10.46 -21.60 -0.17
N ALA A 254 -11.43 -21.25 0.70
CA ALA A 254 -12.38 -20.20 0.36
C ALA A 254 -11.76 -18.82 0.43
N GLN A 255 -10.68 -18.65 1.21
CA GLN A 255 -10.06 -17.34 1.30
C GLN A 255 -9.42 -16.89 0.00
N TYR A 256 -9.00 -17.80 -0.86
CA TYR A 256 -8.41 -17.40 -2.14
C TYR A 256 -9.44 -17.37 -3.27
N LYS A 257 -10.72 -17.16 -2.94
CA LYS A 257 -11.84 -17.26 -3.87
C LYS A 257 -12.25 -15.92 -4.49
N LYS A 258 -11.89 -14.81 -3.87
CA LYS A 258 -12.29 -13.50 -4.39
C LYS A 258 -11.37 -13.12 -5.56
N PRO A 259 -11.91 -12.64 -6.68
CA PRO A 259 -11.06 -12.34 -7.85
C PRO A 259 -10.21 -11.10 -7.61
N PRO A 260 -8.90 -11.17 -7.81
CA PRO A 260 -8.05 -10.03 -7.49
C PRO A 260 -8.07 -8.96 -8.58
N ILE A 261 -7.80 -7.71 -8.15
CA ILE A 261 -7.18 -6.73 -9.04
C ILE A 261 -5.74 -7.18 -9.20
N THR A 262 -5.37 -7.56 -10.40
CA THR A 262 -4.01 -7.98 -10.61
C THR A 262 -3.15 -6.79 -11.02
N VAL A 263 -1.85 -6.92 -10.81
CA VAL A 263 -0.89 -5.95 -11.32
C VAL A 263 -0.40 -6.51 -12.65
N ASP A 264 -0.79 -5.87 -13.76
CA ASP A 264 -0.36 -6.29 -15.08
C ASP A 264 1.03 -5.69 -15.30
N SER A 265 2.05 -6.56 -15.26
N SER A 265 2.06 -6.52 -15.27
CA SER A 265 3.44 -6.10 -15.39
CA SER A 265 3.38 -5.93 -15.32
C SER A 265 3.63 -5.27 -16.66
C SER A 265 3.75 -5.41 -16.71
N VAL A 266 2.88 -5.59 -17.71
CA VAL A 266 2.97 -4.87 -18.97
C VAL A 266 2.53 -3.42 -18.84
N CYS A 267 1.66 -3.10 -17.88
CA CYS A 267 1.15 -1.74 -17.73
C CYS A 267 1.99 -0.91 -16.77
N LEU A 268 3.08 -1.45 -16.26
CA LEU A 268 3.95 -0.77 -15.31
C LEU A 268 5.13 -0.16 -16.05
N LYS A 269 5.29 1.16 -15.90
CA LYS A 269 6.30 2.00 -16.57
C LYS A 269 7.25 2.55 -15.52
N TRP A 270 8.35 1.87 -15.22
CA TRP A 270 9.16 2.29 -14.09
C TRP A 270 10.57 1.70 -14.18
N ALA A 271 11.57 2.56 -14.00
CA ALA A 271 12.90 1.96 -13.93
C ALA A 271 13.58 2.31 -12.61
N PRO A 272 14.39 1.40 -12.09
CA PRO A 272 15.09 1.63 -10.80
C PRO A 272 15.77 3.00 -10.77
N PRO A 273 15.67 3.73 -9.65
CA PRO A 273 15.99 5.16 -9.64
C PRO A 273 17.49 5.49 -9.62
ZN ZN B . -7.64 21.00 -4.51
C1 GOL C . -5.10 1.16 8.22
O1 GOL C . -5.05 1.56 6.90
C2 GOL C . -4.76 -0.32 8.34
O2 GOL C . -3.59 -0.52 8.97
C3 GOL C . -5.77 -1.22 8.92
O3 GOL C . -5.73 -1.26 10.28
C1 GOL D . -8.64 -8.92 4.42
O1 GOL D . -9.21 -8.75 3.14
C2 GOL D . -7.55 -9.97 4.28
O2 GOL D . -6.75 -9.95 5.43
C3 GOL D . -8.08 -11.39 4.18
O3 GOL D . -6.95 -12.17 3.87
C10 NBJ E . -6.92 -3.95 3.35
C11 NBJ E . -5.99 -3.12 4.03
C12 NBJ E . -3.69 -2.68 4.61
C13 NBJ E . -4.67 -3.48 4.01
C14 NBJ E . -6.28 -1.85 4.58
C15 NBJ E . -5.30 -1.04 5.21
C16 NBJ E . -3.98 -1.48 5.19
C01 NBJ E . -5.15 -8.05 1.04
C02 NBJ E . -4.32 -9.16 0.98
C03 NBJ E . -4.82 -10.39 0.57
C04 NBJ E . -6.17 -10.50 0.23
C05 NBJ E . -6.99 -9.39 0.30
C06 NBJ E . -6.49 -8.15 0.72
F20 NBJ E . -4.69 -6.88 1.41
I21 NBJ E . -1.78 -3.33 4.57
N08 NBJ E . -7.65 -5.90 2.37
N09 NBJ E . -6.57 -5.19 3.07
O17 NBJ E . -7.74 -3.38 2.71
O18 NBJ E . -8.97 -7.18 0.43
O19 NBJ E . -7.11 -5.71 -0.25
S07 NBJ E . -7.56 -6.72 0.79
S DMS F . -0.39 -2.14 8.15
O DMS F . 0.12 -1.95 9.54
C1 DMS F . -1.71 -0.90 7.82
C2 DMS F . 1.16 -1.96 7.18
#